data_4ZNQ
#
_entry.id   4ZNQ
#
_cell.length_a   57.169
_cell.length_b   95.553
_cell.length_c   147.707
_cell.angle_alpha   90.00
_cell.angle_beta   90.00
_cell.angle_gamma   90.00
#
_symmetry.space_group_name_H-M   'P 21 21 21'
#
loop_
_entity.id
_entity.type
_entity.pdbx_description
1 polymer 'Natterin-like protein'
2 branched alpha-D-mannopyranose-(1-2)-alpha-D-mannopyranose
3 non-polymer 'CHLORIDE ION'
4 non-polymer DI(HYDROXYETHYL)ETHER
5 non-polymer 'TRIETHYLENE GLYCOL'
6 non-polymer 'TETRAETHYLENE GLYCOL'
7 non-polymer '4-(2-HYDROXYETHYL)-1-PIPERAZINE ETHANESULFONIC ACID'
8 non-polymer 1,2-ETHANEDIOL
9 water water
#
_entity_poly.entity_id   1
_entity_poly.type   'polypeptide(L)'
_entity_poly.pdbx_seq_one_letter_code
;MGSSHHHHHHSSGLVPRGSHMTYPTNLEIIGGQGGSSFSFTGENNGASLEKIWVWVGGWQIKAVRAWLSDGRDETFGVPS
GSHQEYVFTPGECFTSLSLWGNGAGTRLGAIKFKTNKGGEFFAHMTSWGLKTEYPMDVGSGYCLGIVGRGGSDIDCMGFM
FLNAVQSTVLTNVNYPTINQLIPKVATEEIKSVSFENKTSVKQEQKVETSKKVIKTSSWSMTKSFSSTFSVEVSAGIPEI
AEVSTGFSISFGVESTHSLEQTDEKNETLTTTVEVPPKKKVDVHITIGRASFDLPYTGTVKITCKNGSVLQYETKGQYKG
VAYTDIKVNTVEKDL
;
_entity_poly.pdbx_strand_id   A,B
#
# COMPACT_ATOMS: atom_id res chain seq x y z
N SER A 19 -6.38 -17.61 41.27
CA SER A 19 -7.63 -16.89 41.67
C SER A 19 -8.45 -16.45 40.46
N HIS A 20 -7.82 -15.82 39.45
CA HIS A 20 -8.56 -15.31 38.30
C HIS A 20 -8.09 -15.79 36.91
N MET A 21 -8.98 -16.50 36.21
CA MET A 21 -8.65 -17.04 34.88
C MET A 21 -9.27 -16.18 33.80
N THR A 22 -8.49 -15.83 32.78
CA THR A 22 -9.10 -15.24 31.58
C THR A 22 -8.83 -16.13 30.38
N TYR A 23 -9.68 -15.96 29.39
CA TYR A 23 -9.72 -16.81 28.22
C TYR A 23 -9.80 -15.99 26.94
N PRO A 24 -9.32 -16.55 25.84
CA PRO A 24 -9.35 -15.80 24.60
C PRO A 24 -10.74 -15.77 23.96
N THR A 25 -11.65 -16.60 24.46
CA THR A 25 -13.02 -16.69 23.94
C THR A 25 -14.04 -16.36 25.00
N ASN A 26 -15.20 -15.92 24.53
CA ASN A 26 -16.31 -15.47 25.36
C ASN A 26 -17.52 -16.23 24.85
N LEU A 27 -18.17 -16.95 25.76
CA LEU A 27 -19.25 -17.88 25.42
C LEU A 27 -20.24 -17.93 26.57
N GLU A 28 -21.49 -17.53 26.33
CA GLU A 28 -22.54 -17.61 27.37
C GLU A 28 -23.68 -18.45 26.82
N ILE A 29 -23.86 -19.65 27.38
CA ILE A 29 -24.86 -20.60 26.91
C ILE A 29 -26.20 -20.39 27.61
N ILE A 30 -27.27 -20.34 26.84
CA ILE A 30 -28.61 -20.12 27.40
C ILE A 30 -29.54 -21.25 27.00
N GLY A 31 -30.32 -21.72 27.98
CA GLY A 31 -31.34 -22.74 27.77
C GLY A 31 -31.35 -23.79 28.87
N GLY A 32 -31.73 -25.02 28.51
CA GLY A 32 -31.87 -26.12 29.45
C GLY A 32 -30.72 -27.09 29.44
N GLN A 33 -30.92 -28.22 30.08
CA GLN A 33 -29.86 -29.20 30.30
C GLN A 33 -30.05 -30.50 29.54
N GLY A 34 -31.12 -30.64 28.78
CA GLY A 34 -31.32 -31.85 27.98
C GLY A 34 -30.43 -31.93 26.75
N GLY A 35 -30.69 -32.95 25.93
CA GLY A 35 -29.99 -33.14 24.68
C GLY A 35 -28.55 -33.57 24.86
N SER A 36 -27.80 -33.56 23.75
CA SER A 36 -26.39 -33.94 23.71
C SER A 36 -25.51 -32.75 23.36
N SER A 37 -24.35 -32.65 23.99
CA SER A 37 -23.39 -31.55 23.75
C SER A 37 -22.86 -31.47 22.31
N PHE A 38 -22.72 -30.25 21.80
CA PHE A 38 -22.04 -30.03 20.51
C PHE A 38 -21.11 -28.82 20.59
N SER A 39 -20.07 -28.83 19.79
CA SER A 39 -19.19 -27.69 19.75
C SER A 39 -18.73 -27.55 18.33
N PHE A 40 -19.05 -26.40 17.74
CA PHE A 40 -18.81 -26.16 16.34
C PHE A 40 -18.20 -24.75 16.17
N THR A 41 -16.86 -24.65 16.24
CA THR A 41 -16.20 -23.36 16.34
C THR A 41 -14.85 -23.38 15.61
N GLY A 42 -14.38 -22.19 15.27
CA GLY A 42 -13.10 -22.06 14.58
C GLY A 42 -11.94 -21.79 15.52
N GLU A 43 -12.04 -22.19 16.77
CA GLU A 43 -10.91 -21.93 17.68
C GLU A 43 -9.64 -22.73 17.33
N ASN A 44 -9.76 -23.72 16.44
CA ASN A 44 -8.60 -24.47 15.93
C ASN A 44 -7.83 -23.78 14.82
N ASN A 45 -8.51 -22.97 14.02
CA ASN A 45 -7.94 -22.44 12.79
C ASN A 45 -8.36 -21.01 12.44
N GLY A 46 -8.94 -20.30 13.41
CA GLY A 46 -9.44 -18.95 13.19
C GLY A 46 -10.67 -18.79 12.28
N ALA A 47 -11.35 -19.88 11.95
CA ALA A 47 -12.53 -19.80 11.11
C ALA A 47 -13.65 -19.07 11.86
N SER A 48 -14.50 -18.34 11.14
CA SER A 48 -15.61 -17.59 11.74
C SER A 48 -16.93 -18.12 11.24
N LEU A 49 -17.98 -17.77 11.94
CA LEU A 49 -19.35 -18.06 11.45
C LEU A 49 -19.68 -17.29 10.19
N GLU A 50 -19.96 -18.00 9.12
CA GLU A 50 -20.16 -17.39 7.83
C GLU A 50 -21.65 -17.33 7.45
N LYS A 51 -22.40 -18.33 7.86
CA LYS A 51 -23.84 -18.41 7.57
C LYS A 51 -24.58 -19.18 8.66
N ILE A 52 -25.80 -18.77 8.97
CA ILE A 52 -26.59 -19.49 9.94
C ILE A 52 -28.04 -19.62 9.45
N TRP A 53 -28.61 -20.82 9.58
CA TRP A 53 -30.04 -21.02 9.39
C TRP A 53 -30.69 -21.38 10.71
N VAL A 54 -31.86 -20.80 11.00
CA VAL A 54 -32.55 -21.09 12.24
C VAL A 54 -34.01 -21.47 11.97
N TRP A 55 -34.41 -22.60 12.52
CA TRP A 55 -35.78 -23.12 12.48
C TRP A 55 -36.38 -22.92 13.86
N VAL A 56 -37.56 -22.33 13.91
CA VAL A 56 -38.19 -22.10 15.21
C VAL A 56 -39.40 -23.02 15.36
N GLY A 57 -39.81 -23.22 16.61
CA GLY A 57 -41.04 -23.90 16.93
C GLY A 57 -41.85 -23.06 17.87
N GLY A 58 -42.96 -23.61 18.36
CA GLY A 58 -43.85 -22.81 19.21
C GLY A 58 -43.28 -22.45 20.58
N TRP A 59 -42.42 -23.30 21.12
CA TRP A 59 -41.91 -23.14 22.48
C TRP A 59 -40.41 -23.43 22.55
N GLN A 60 -39.76 -23.27 21.42
CA GLN A 60 -38.34 -23.52 21.34
C GLN A 60 -37.76 -22.98 20.04
N ILE A 61 -36.44 -22.81 20.04
CA ILE A 61 -35.68 -22.95 18.80
C ILE A 61 -35.57 -24.43 18.47
N LYS A 62 -35.98 -24.80 17.26
CA LYS A 62 -36.07 -26.16 16.82
C LYS A 62 -34.71 -26.73 16.34
N ALA A 63 -33.99 -25.93 15.56
CA ALA A 63 -32.71 -26.38 14.99
C ALA A 63 -31.91 -25.20 14.49
N VAL A 64 -30.61 -25.44 14.30
CA VAL A 64 -29.71 -24.43 13.78
C VAL A 64 -28.72 -25.17 12.88
N ARG A 65 -28.51 -24.62 11.68
CA ARG A 65 -27.46 -25.09 10.77
C ARG A 65 -26.46 -23.95 10.58
N ALA A 66 -25.17 -24.28 10.68
CA ALA A 66 -24.16 -23.26 10.70
C ALA A 66 -23.04 -23.66 9.74
N TRP A 67 -22.49 -22.64 9.09
CA TRP A 67 -21.35 -22.81 8.19
C TRP A 67 -20.24 -21.92 8.74
N LEU A 68 -19.02 -22.47 8.81
CA LEU A 68 -17.85 -21.72 9.17
C LEU A 68 -17.04 -21.37 7.90
N SER A 69 -16.23 -20.33 8.00
CA SER A 69 -15.48 -19.80 6.83
C SER A 69 -14.53 -20.82 6.20
N ASP A 70 -14.21 -21.91 6.90
CA ASP A 70 -13.33 -22.94 6.33
C ASP A 70 -14.09 -24.03 5.56
N GLY A 71 -15.40 -23.87 5.36
CA GLY A 71 -16.20 -24.86 4.65
C GLY A 71 -16.98 -25.86 5.50
N ARG A 72 -16.73 -25.93 6.81
CA ARG A 72 -17.48 -26.83 7.67
C ARG A 72 -18.94 -26.40 7.73
N ASP A 73 -19.82 -27.39 7.84
CA ASP A 73 -21.28 -27.22 7.76
C ASP A 73 -21.89 -28.28 8.67
N GLU A 74 -22.63 -27.89 9.73
CA GLU A 74 -23.29 -28.88 10.56
C GLU A 74 -24.65 -28.40 11.02
N THR A 75 -25.56 -29.34 11.22
CA THR A 75 -26.91 -29.06 11.74
C THR A 75 -27.10 -29.65 13.13
N PHE A 76 -27.70 -28.88 14.03
CA PHE A 76 -28.00 -29.30 15.41
C PHE A 76 -29.49 -29.17 15.62
N GLY A 77 -30.08 -30.14 16.31
CA GLY A 77 -31.53 -30.24 16.44
C GLY A 77 -32.11 -30.76 15.15
N VAL A 78 -33.43 -30.85 15.10
CA VAL A 78 -34.12 -31.38 13.93
C VAL A 78 -34.99 -30.30 13.27
N PRO A 79 -34.64 -29.90 12.04
CA PRO A 79 -35.39 -28.82 11.37
C PRO A 79 -36.87 -29.18 11.18
N SER A 80 -37.73 -28.19 11.32
CA SER A 80 -39.14 -28.29 10.96
C SER A 80 -39.54 -26.95 10.38
N GLY A 81 -40.28 -26.98 9.26
CA GLY A 81 -40.73 -25.76 8.61
C GLY A 81 -39.63 -25.04 7.85
N SER A 82 -39.86 -23.77 7.56
CA SER A 82 -38.88 -22.96 6.85
C SER A 82 -37.88 -22.39 7.84
N HIS A 83 -36.73 -21.96 7.34
CA HIS A 83 -35.70 -21.35 8.16
C HIS A 83 -35.54 -19.85 7.87
N GLN A 84 -35.01 -19.13 8.86
CA GLN A 84 -34.52 -17.80 8.66
C GLN A 84 -33.01 -17.92 8.45
N GLU A 85 -32.44 -17.04 7.64
CA GLU A 85 -31.00 -17.05 7.32
C GLU A 85 -30.31 -15.78 7.68
N TYR A 86 -29.04 -15.86 8.10
CA TYR A 86 -28.17 -14.72 8.08
C TYR A 86 -26.85 -15.14 7.42
N VAL A 87 -26.44 -14.38 6.40
CA VAL A 87 -25.15 -14.59 5.71
C VAL A 87 -24.21 -13.46 6.10
N PHE A 88 -23.07 -13.77 6.69
CA PHE A 88 -22.05 -12.79 7.07
C PHE A 88 -21.03 -12.61 5.95
N THR A 89 -20.70 -11.36 5.62
CA THR A 89 -19.65 -11.09 4.64
C THR A 89 -18.32 -10.98 5.37
N PRO A 90 -17.19 -11.13 4.64
CA PRO A 90 -15.88 -10.93 5.30
C PRO A 90 -15.72 -9.56 5.96
N GLY A 91 -15.28 -9.58 7.21
CA GLY A 91 -15.14 -8.36 7.97
C GLY A 91 -16.39 -8.03 8.78
N GLU A 92 -17.52 -8.65 8.49
CA GLU A 92 -18.77 -8.35 9.22
C GLU A 92 -18.70 -9.02 10.58
N CYS A 93 -18.80 -8.22 11.63
CA CYS A 93 -18.73 -8.70 13.00
C CYS A 93 -20.05 -8.39 13.71
N PHE A 94 -20.32 -9.11 14.79
CA PHE A 94 -21.43 -8.79 15.66
C PHE A 94 -21.14 -7.46 16.35
N THR A 95 -22.17 -6.64 16.54
CA THR A 95 -22.06 -5.52 17.48
C THR A 95 -22.84 -5.76 18.77
N SER A 96 -23.88 -6.57 18.69
CA SER A 96 -24.64 -6.95 19.87
C SER A 96 -25.28 -8.31 19.65
N LEU A 97 -25.67 -8.96 20.74
CA LEU A 97 -26.33 -10.25 20.71
C LEU A 97 -27.13 -10.34 22.01
N SER A 98 -28.39 -10.75 21.87
CA SER A 98 -29.19 -11.21 23.03
C SER A 98 -29.77 -12.57 22.77
N LEU A 99 -29.77 -13.40 23.81
CA LEU A 99 -30.44 -14.68 23.78
C LEU A 99 -31.59 -14.68 24.81
N TRP A 100 -32.58 -15.49 24.53
CA TRP A 100 -33.67 -15.80 25.46
C TRP A 100 -33.81 -17.31 25.55
N GLY A 101 -34.15 -17.78 26.75
CA GLY A 101 -34.61 -19.15 26.92
C GLY A 101 -36.08 -19.17 26.45
N ASN A 102 -36.75 -20.30 26.61
CA ASN A 102 -38.19 -20.38 26.36
C ASN A 102 -39.01 -19.97 27.58
N GLY A 103 -38.33 -19.49 28.62
CA GLY A 103 -39.01 -19.03 29.84
C GLY A 103 -39.27 -20.10 30.88
N ALA A 104 -39.06 -21.36 30.50
CA ALA A 104 -39.31 -22.50 31.37
C ALA A 104 -38.00 -23.17 31.76
N GLY A 105 -36.88 -22.65 31.26
CA GLY A 105 -35.57 -23.21 31.51
C GLY A 105 -35.26 -24.52 30.81
N THR A 106 -36.00 -24.86 29.74
CA THR A 106 -35.82 -26.16 29.11
C THR A 106 -35.35 -26.10 27.63
N ARG A 107 -35.43 -24.95 26.98
CA ARG A 107 -34.96 -24.81 25.60
C ARG A 107 -34.43 -23.38 25.38
N LEU A 108 -33.60 -23.21 24.34
CA LEU A 108 -33.38 -21.90 23.79
C LEU A 108 -34.71 -21.42 23.20
N GLY A 109 -35.01 -20.14 23.34
CA GLY A 109 -36.24 -19.53 22.81
C GLY A 109 -36.11 -18.45 21.74
N ALA A 110 -34.99 -17.72 21.73
CA ALA A 110 -34.82 -16.66 20.74
C ALA A 110 -33.36 -16.22 20.63
N ILE A 111 -33.05 -15.69 19.45
CA ILE A 111 -31.73 -15.16 19.10
C ILE A 111 -31.94 -13.81 18.45
N LYS A 112 -31.26 -12.79 18.97
CA LYS A 112 -31.30 -11.49 18.35
C LYS A 112 -29.88 -10.97 18.24
N PHE A 113 -29.49 -10.51 17.04
CA PHE A 113 -28.18 -9.88 16.92
C PHE A 113 -28.16 -8.76 15.88
N LYS A 114 -27.15 -7.91 16.02
CA LYS A 114 -26.91 -6.82 15.10
C LYS A 114 -25.45 -6.87 14.70
N THR A 115 -25.15 -6.37 13.50
CA THR A 115 -23.77 -6.44 13.00
C THR A 115 -23.23 -5.06 12.63
N ASN A 116 -21.91 -5.02 12.40
CA ASN A 116 -21.24 -3.76 12.12
C ASN A 116 -21.42 -3.27 10.66
N LYS A 117 -22.16 -4.01 9.87
CA LYS A 117 -22.58 -3.56 8.53
C LYS A 117 -24.04 -3.13 8.54
N GLY A 118 -24.61 -2.97 9.73
CA GLY A 118 -25.97 -2.48 9.87
C GLY A 118 -27.07 -3.52 9.81
N GLY A 119 -26.69 -4.80 9.83
CA GLY A 119 -27.66 -5.90 9.69
C GLY A 119 -28.28 -6.17 11.05
N GLU A 120 -29.47 -6.76 11.04
CA GLU A 120 -30.11 -7.24 12.24
C GLU A 120 -30.79 -8.58 11.94
N PHE A 121 -30.90 -9.42 12.97
CA PHE A 121 -31.52 -10.73 12.83
C PHE A 121 -32.23 -11.08 14.15
N PHE A 122 -33.45 -11.56 14.03
CA PHE A 122 -34.26 -11.91 15.21
C PHE A 122 -35.08 -13.13 14.85
N ALA A 123 -34.74 -14.26 15.47
CA ALA A 123 -35.47 -15.53 15.33
C ALA A 123 -35.98 -15.96 16.71
N HIS A 124 -37.27 -16.26 16.77
CA HIS A 124 -37.90 -16.54 18.08
C HIS A 124 -39.04 -17.53 17.98
N MET A 125 -39.23 -18.26 19.09
CA MET A 125 -40.32 -19.22 19.20
C MET A 125 -41.63 -18.45 18.98
N THR A 126 -42.65 -19.16 18.52
CA THR A 126 -43.79 -18.54 17.88
C THR A 126 -45.07 -18.53 18.74
N SER A 127 -45.12 -19.34 19.78
CA SER A 127 -46.35 -19.42 20.58
C SER A 127 -46.18 -18.79 21.93
N TRP A 128 -45.17 -19.22 22.68
CA TRP A 128 -44.92 -18.62 23.97
C TRP A 128 -44.24 -17.30 23.84
N GLY A 129 -44.56 -16.40 24.76
CA GLY A 129 -43.98 -15.06 24.77
C GLY A 129 -42.57 -15.09 25.35
N LEU A 130 -41.73 -14.14 24.97
CA LEU A 130 -40.37 -14.05 25.54
C LEU A 130 -40.38 -13.47 26.95
N LYS A 131 -39.55 -14.02 27.81
CA LYS A 131 -39.37 -13.50 29.16
C LYS A 131 -37.99 -12.83 29.27
N THR A 132 -37.10 -13.34 30.11
CA THR A 132 -35.88 -12.64 30.42
C THR A 132 -34.92 -12.62 29.22
N GLU A 133 -34.54 -11.41 28.83
CA GLU A 133 -33.48 -11.22 27.85
C GLU A 133 -32.09 -11.36 28.50
N TYR A 134 -31.19 -12.05 27.80
CA TYR A 134 -29.81 -12.11 28.23
C TYR A 134 -28.91 -11.44 27.18
N PRO A 135 -28.56 -10.17 27.40
CA PRO A 135 -27.66 -9.46 26.48
C PRO A 135 -26.23 -9.87 26.71
N MET A 136 -25.49 -10.09 25.62
CA MET A 136 -24.18 -10.68 25.68
C MET A 136 -23.12 -9.67 25.29
N ASP A 137 -21.91 -9.90 25.78
CA ASP A 137 -20.73 -9.14 25.41
C ASP A 137 -20.07 -9.85 24.24
N VAL A 138 -20.02 -9.21 23.09
CA VAL A 138 -19.55 -9.88 21.90
C VAL A 138 -18.03 -9.86 21.75
N GLY A 139 -17.31 -9.31 22.74
CA GLY A 139 -15.82 -9.33 22.67
C GLY A 139 -15.33 -8.45 21.55
N SER A 140 -14.52 -9.01 20.67
CA SER A 140 -14.09 -8.31 19.48
C SER A 140 -15.21 -8.19 18.45
N GLY A 141 -16.26 -8.99 18.61
CA GLY A 141 -17.34 -9.09 17.62
C GLY A 141 -17.16 -10.21 16.58
N TYR A 142 -15.95 -10.78 16.54
CA TYR A 142 -15.62 -11.89 15.65
C TYR A 142 -16.12 -13.21 16.22
N CYS A 143 -17.14 -13.76 15.57
CA CYS A 143 -17.79 -14.98 16.02
C CYS A 143 -17.15 -16.22 15.45
N LEU A 144 -16.64 -17.05 16.36
CA LEU A 144 -15.97 -18.30 16.00
C LEU A 144 -16.92 -19.47 15.78
N GLY A 145 -18.17 -19.33 16.22
CA GLY A 145 -19.13 -20.40 16.06
C GLY A 145 -20.11 -20.50 17.22
N ILE A 146 -20.62 -21.72 17.40
CA ILE A 146 -21.70 -22.03 18.32
C ILE A 146 -21.39 -23.30 19.13
N VAL A 147 -21.89 -23.33 20.37
CA VAL A 147 -21.70 -24.41 21.32
C VAL A 147 -23.02 -24.54 22.08
N GLY A 148 -23.47 -25.75 22.32
CA GLY A 148 -24.70 -25.98 23.05
C GLY A 148 -24.99 -27.46 23.20
N ARG A 149 -26.28 -27.76 23.36
CA ARG A 149 -26.80 -29.10 23.39
C ARG A 149 -28.05 -29.15 22.55
N GLY A 150 -28.15 -30.22 21.79
CA GLY A 150 -29.29 -30.48 20.92
C GLY A 150 -29.75 -31.95 20.98
N GLY A 151 -30.98 -32.16 20.52
CA GLY A 151 -31.59 -33.47 20.39
C GLY A 151 -32.66 -33.27 19.34
N SER A 152 -33.94 -33.35 19.73
CA SER A 152 -34.99 -32.93 18.82
C SER A 152 -34.95 -31.43 18.53
N ASP A 153 -34.58 -30.65 19.54
CA ASP A 153 -34.63 -29.22 19.54
C ASP A 153 -33.25 -28.69 19.92
N ILE A 154 -33.12 -27.39 20.03
CA ILE A 154 -31.96 -26.76 20.65
C ILE A 154 -32.27 -26.56 22.14
N ASP A 155 -31.70 -27.46 22.92
CA ASP A 155 -31.83 -27.43 24.37
C ASP A 155 -31.16 -26.19 24.96
N CYS A 156 -29.95 -25.89 24.50
CA CYS A 156 -29.25 -24.70 24.87
C CYS A 156 -28.20 -24.35 23.81
N MET A 157 -27.86 -23.08 23.74
CA MET A 157 -26.83 -22.62 22.82
C MET A 157 -26.23 -21.33 23.26
N GLY A 158 -24.99 -21.12 22.82
CA GLY A 158 -24.30 -19.86 22.93
C GLY A 158 -23.47 -19.60 21.67
N PHE A 159 -23.17 -18.34 21.41
CA PHE A 159 -22.29 -17.95 20.35
C PHE A 159 -20.91 -17.72 20.97
N MET A 160 -19.88 -18.33 20.40
CA MET A 160 -18.51 -18.08 20.90
C MET A 160 -17.86 -16.90 20.19
N PHE A 161 -17.33 -15.96 20.95
CA PHE A 161 -16.64 -14.81 20.34
C PHE A 161 -15.16 -14.80 20.72
N LEU A 162 -14.32 -14.32 19.82
CA LEU A 162 -12.98 -13.94 20.23
C LEU A 162 -13.08 -12.67 21.09
N ASN A 163 -12.45 -12.69 22.27
CA ASN A 163 -12.42 -11.52 23.12
C ASN A 163 -11.67 -10.39 22.46
N ALA A 164 -11.88 -9.16 22.94
CA ALA A 164 -11.18 -7.98 22.38
C ALA A 164 -9.65 -8.23 22.27
N VAL A 165 -9.10 -7.87 21.12
CA VAL A 165 -7.71 -8.18 20.72
CA VAL A 165 -7.71 -8.21 20.82
C VAL A 165 -6.74 -7.04 21.04
N GLN A 166 -5.56 -7.38 21.53
CA GLN A 166 -4.44 -6.42 21.70
C GLN A 166 -3.61 -6.44 20.42
N SER A 167 -3.25 -7.63 19.96
CA SER A 167 -2.41 -7.75 18.79
C SER A 167 -2.72 -9.06 18.11
N THR A 168 -2.54 -9.09 16.80
CA THR A 168 -2.58 -10.34 16.07
CA THR A 168 -2.64 -10.31 16.02
C THR A 168 -1.39 -10.39 15.13
N VAL A 169 -0.57 -11.41 15.30
CA VAL A 169 0.73 -11.51 14.62
C VAL A 169 0.85 -12.82 13.86
N LEU A 170 1.38 -12.76 12.65
CA LEU A 170 1.80 -13.95 11.95
C LEU A 170 3.30 -14.03 12.17
N THR A 171 3.77 -15.11 12.81
CA THR A 171 5.17 -15.27 13.16
C THR A 171 5.61 -16.70 12.87
N ASN A 172 6.84 -17.07 13.25
CA ASN A 172 7.39 -18.41 12.99
C ASN A 172 7.23 -18.79 11.51
N VAL A 173 7.52 -17.85 10.61
CA VAL A 173 7.24 -18.04 9.18
C VAL A 173 8.38 -18.84 8.57
N ASN A 174 8.04 -19.86 7.80
CA ASN A 174 9.01 -20.60 7.05
C ASN A 174 8.58 -20.65 5.58
N TYR A 175 9.55 -20.83 4.69
CA TYR A 175 9.28 -21.03 3.30
C TYR A 175 9.85 -22.40 2.90
N PRO A 176 9.02 -23.47 3.02
CA PRO A 176 9.52 -24.85 2.89
C PRO A 176 10.20 -25.19 1.56
N THR A 177 9.89 -24.47 0.48
CA THR A 177 10.51 -24.72 -0.84
C THR A 177 11.64 -23.73 -1.22
N ILE A 178 12.04 -22.85 -0.31
CA ILE A 178 12.87 -21.69 -0.73
C ILE A 178 14.21 -22.15 -1.29
N ASN A 179 14.77 -23.21 -0.72
CA ASN A 179 16.06 -23.73 -1.16
C ASN A 179 16.01 -24.49 -2.48
N GLN A 180 14.82 -24.89 -2.93
CA GLN A 180 14.67 -25.60 -4.20
C GLN A 180 14.36 -24.65 -5.35
N LEU A 181 14.00 -23.41 -5.04
CA LEU A 181 13.48 -22.50 -6.05
C LEU A 181 14.63 -21.97 -6.92
N ILE A 182 14.40 -21.94 -8.22
CA ILE A 182 15.31 -21.29 -9.15
C ILE A 182 14.64 -19.98 -9.57
N PRO A 183 15.21 -18.84 -9.18
CA PRO A 183 14.57 -17.54 -9.38
C PRO A 183 14.60 -17.07 -10.84
N LYS A 184 13.46 -16.58 -11.34
CA LYS A 184 13.40 -15.98 -12.68
C LYS A 184 13.68 -14.47 -12.65
N VAL A 185 14.94 -14.09 -12.87
CA VAL A 185 15.38 -12.71 -12.77
C VAL A 185 15.35 -11.97 -14.11
N ALA A 186 14.54 -10.92 -14.19
CA ALA A 186 14.49 -10.07 -15.36
C ALA A 186 15.49 -8.89 -15.27
N THR A 187 16.20 -8.64 -16.36
CA THR A 187 17.12 -7.51 -16.45
C THR A 187 16.32 -6.27 -16.80
N GLU A 188 16.56 -5.19 -16.04
CA GLU A 188 16.08 -3.88 -16.39
C GLU A 188 17.34 -3.04 -16.68
N GLU A 189 17.36 -2.43 -17.86
CA GLU A 189 18.45 -1.54 -18.28
C GLU A 189 18.27 -0.25 -17.54
N ILE A 190 19.36 0.29 -17.00
CA ILE A 190 19.30 1.59 -16.37
C ILE A 190 20.02 2.61 -17.28
N LYS A 191 21.28 2.37 -17.62
CA LYS A 191 21.94 3.23 -18.56
C LYS A 191 23.21 2.63 -19.17
N SER A 192 23.56 3.15 -20.34
CA SER A 192 24.80 2.83 -21.01
C SER A 192 25.49 4.12 -21.47
N VAL A 193 26.80 4.20 -21.31
CA VAL A 193 27.55 5.26 -21.98
C VAL A 193 28.92 4.76 -22.41
N SER A 194 29.49 5.37 -23.45
CA SER A 194 30.83 5.03 -23.96
C SER A 194 31.79 6.17 -23.62
N PHE A 195 33.05 5.82 -23.38
CA PHE A 195 34.11 6.81 -23.24
C PHE A 195 35.24 6.44 -24.20
N GLU A 196 35.96 7.45 -24.67
CA GLU A 196 37.12 7.24 -25.53
C GLU A 196 38.33 7.90 -24.93
N ASN A 197 39.47 7.22 -25.02
CA ASN A 197 40.74 7.80 -24.63
C ASN A 197 41.69 7.77 -25.82
N LYS A 198 41.91 8.94 -26.43
CA LYS A 198 42.79 9.08 -27.59
C LYS A 198 44.23 9.38 -27.18
N THR A 199 44.41 9.85 -25.95
CA THR A 199 45.72 10.14 -25.39
C THR A 199 46.41 8.82 -25.00
N SER A 200 47.69 8.90 -24.68
CA SER A 200 48.48 7.72 -24.30
C SER A 200 48.59 7.56 -22.76
N VAL A 201 47.76 8.31 -22.03
CA VAL A 201 47.76 8.32 -20.57
C VAL A 201 46.39 7.87 -20.03
N LYS A 202 46.39 7.20 -18.88
CA LYS A 202 45.16 6.77 -18.20
C LYS A 202 44.16 7.90 -17.99
N GLN A 203 42.88 7.54 -18.05
CA GLN A 203 41.80 8.48 -17.73
C GLN A 203 40.77 7.80 -16.84
N GLU A 204 40.12 8.59 -15.98
CA GLU A 204 39.02 8.13 -15.15
C GLU A 204 37.75 8.90 -15.46
N GLN A 205 36.61 8.23 -15.31
CA GLN A 205 35.30 8.84 -15.52
C GLN A 205 34.38 8.44 -14.39
N LYS A 206 33.78 9.41 -13.73
CA LYS A 206 32.84 9.11 -12.66
C LYS A 206 31.47 8.96 -13.31
N VAL A 207 30.75 7.90 -12.95
CA VAL A 207 29.39 7.70 -13.44
C VAL A 207 28.50 7.46 -12.25
N GLU A 208 27.43 8.22 -12.16
CA GLU A 208 26.44 8.09 -11.08
C GLU A 208 25.12 7.58 -11.64
N THR A 209 24.49 6.67 -10.90
CA THR A 209 23.29 5.99 -11.33
C THR A 209 22.26 6.11 -10.24
N SER A 210 21.00 6.29 -10.65
CA SER A 210 19.86 6.18 -9.73
C SER A 210 18.74 5.40 -10.40
N LYS A 211 18.03 4.62 -9.60
CA LYS A 211 16.98 3.78 -10.13
C LYS A 211 15.93 3.57 -9.06
N LYS A 212 14.69 3.85 -9.38
CA LYS A 212 13.56 3.58 -8.48
C LYS A 212 13.32 2.08 -8.45
N VAL A 213 13.26 1.51 -7.27
CA VAL A 213 12.86 0.10 -7.13
C VAL A 213 11.64 0.04 -6.23
N ILE A 214 10.70 -0.84 -6.55
CA ILE A 214 9.50 -1.04 -5.72
C ILE A 214 9.50 -2.50 -5.26
N LYS A 215 9.86 -2.73 -4.01
CA LYS A 215 9.84 -4.07 -3.42
C LYS A 215 8.48 -4.34 -2.80
N THR A 216 7.98 -5.57 -2.97
CA THR A 216 6.67 -5.92 -2.40
C THR A 216 6.73 -7.26 -1.70
N SER A 217 5.86 -7.42 -0.70
CA SER A 217 5.71 -8.67 0.04
C SER A 217 4.21 -8.82 0.32
N SER A 218 3.69 -10.03 0.17
CA SER A 218 2.34 -10.30 0.65
C SER A 218 2.24 -11.74 1.10
N TRP A 219 1.53 -11.95 2.19
CA TRP A 219 1.32 -13.28 2.73
C TRP A 219 -0.17 -13.49 2.72
N SER A 220 -0.65 -14.51 2.00
CA SER A 220 -2.08 -14.69 1.87
C SER A 220 -2.68 -15.07 3.23
N MET A 221 -3.93 -14.69 3.44
CA MET A 221 -4.66 -15.12 4.62
C MET A 221 -6.14 -15.19 4.31
N THR A 222 -6.84 -16.08 5.01
CA THR A 222 -8.30 -16.17 4.93
C THR A 222 -8.88 -14.79 5.10
N LYS A 223 -9.72 -14.39 4.16
CA LYS A 223 -10.16 -13.01 4.08
C LYS A 223 -11.05 -12.60 5.24
N SER A 224 -11.78 -13.52 5.86
CA SER A 224 -12.64 -13.08 6.97
C SER A 224 -11.76 -12.57 8.15
N PHE A 225 -10.65 -13.24 8.38
CA PHE A 225 -9.77 -12.91 9.49
C PHE A 225 -8.99 -11.61 9.23
N SER A 226 -8.45 -11.48 8.02
CA SER A 226 -7.62 -10.35 7.66
C SER A 226 -8.44 -9.09 7.42
N SER A 227 -9.72 -9.24 7.08
CA SER A 227 -10.64 -8.09 7.01
C SER A 227 -11.04 -7.57 8.37
N THR A 228 -10.95 -8.40 9.41
CA THR A 228 -11.37 -8.02 10.76
C THR A 228 -10.24 -7.54 11.61
N PHE A 229 -9.04 -8.11 11.41
CA PHE A 229 -7.94 -7.82 12.27
C PHE A 229 -6.76 -7.27 11.50
N SER A 230 -6.01 -6.40 12.17
CA SER A 230 -4.77 -5.85 11.64
C SER A 230 -3.66 -6.83 11.94
N VAL A 231 -3.30 -7.61 10.94
CA VAL A 231 -2.32 -8.65 11.12
C VAL A 231 -0.93 -8.12 10.83
N GLU A 232 -0.08 -8.17 11.85
CA GLU A 232 1.34 -7.87 11.70
C GLU A 232 2.03 -9.16 11.34
N VAL A 233 3.14 -9.03 10.63
CA VAL A 233 3.91 -10.17 10.22
C VAL A 233 5.32 -9.97 10.79
N SER A 234 5.79 -10.93 11.57
CA SER A 234 7.17 -10.97 12.03
C SER A 234 7.85 -12.09 11.24
N ALA A 235 8.56 -11.74 10.17
CA ALA A 235 9.12 -12.74 9.26
C ALA A 235 10.37 -12.23 8.54
N GLY A 236 11.19 -13.18 8.10
CA GLY A 236 12.25 -12.90 7.11
C GLY A 236 11.54 -12.98 5.77
N ILE A 237 12.10 -12.32 4.77
CA ILE A 237 11.55 -12.41 3.41
C ILE A 237 12.59 -12.86 2.40
N PRO A 238 12.15 -13.55 1.34
CA PRO A 238 13.07 -13.92 0.29
C PRO A 238 13.84 -12.71 -0.27
N GLU A 239 15.15 -12.89 -0.44
CA GLU A 239 16.00 -11.89 -1.09
C GLU A 239 16.75 -12.52 -2.26
N ILE A 240 17.16 -11.67 -3.19
CA ILE A 240 17.87 -12.13 -4.38
C ILE A 240 19.23 -11.44 -4.43
N ALA A 241 20.24 -12.19 -4.86
CA ALA A 241 21.58 -11.63 -5.05
C ALA A 241 22.19 -12.21 -6.31
N GLU A 242 23.15 -11.46 -6.88
CA GLU A 242 23.95 -11.95 -8.01
C GLU A 242 25.30 -12.42 -7.52
N VAL A 243 25.59 -13.69 -7.75
CA VAL A 243 26.85 -14.30 -7.34
C VAL A 243 27.67 -14.67 -8.58
N SER A 244 28.80 -15.37 -8.40
CA SER A 244 29.69 -15.71 -9.51
C SER A 244 29.04 -16.62 -10.57
N THR A 245 28.31 -17.64 -10.13
CA THR A 245 27.67 -18.61 -11.02
C THR A 245 26.36 -18.09 -11.63
N GLY A 246 25.47 -17.60 -10.77
CA GLY A 246 24.17 -17.09 -11.21
C GLY A 246 23.43 -16.32 -10.13
N PHE A 247 22.15 -16.62 -9.97
CA PHE A 247 21.26 -15.86 -9.06
C PHE A 247 20.91 -16.63 -7.79
N SER A 248 21.46 -16.15 -6.68
CA SER A 248 21.32 -16.79 -5.38
C SER A 248 20.13 -16.21 -4.60
N ILE A 249 19.14 -17.05 -4.30
CA ILE A 249 18.04 -16.71 -3.40
C ILE A 249 18.48 -16.92 -1.97
N SER A 250 17.89 -16.18 -1.03
CA SER A 250 18.15 -16.42 0.38
C SER A 250 17.00 -15.94 1.27
N PHE A 251 16.95 -16.54 2.45
CA PHE A 251 15.95 -16.32 3.46
C PHE A 251 16.49 -15.21 4.36
N GLY A 252 16.02 -13.97 4.17
CA GLY A 252 16.54 -12.82 4.89
C GLY A 252 16.31 -12.81 6.41
N VAL A 253 16.81 -11.76 7.05
CA VAL A 253 16.66 -11.54 8.50
C VAL A 253 15.22 -11.22 8.91
N GLU A 254 14.82 -11.66 10.11
CA GLU A 254 13.47 -11.42 10.60
C GLU A 254 13.18 -9.95 10.97
N SER A 255 12.02 -9.44 10.57
CA SER A 255 11.55 -8.10 10.95
C SER A 255 10.03 -7.96 10.84
N THR A 256 9.51 -6.80 11.22
CA THR A 256 8.07 -6.59 11.24
C THR A 256 7.57 -6.04 9.91
N HIS A 257 6.47 -6.59 9.43
CA HIS A 257 5.85 -6.12 8.19
C HIS A 257 4.36 -6.15 8.38
N SER A 258 3.64 -5.53 7.46
CA SER A 258 2.20 -5.69 7.32
C SER A 258 1.90 -6.83 6.33
N LEU A 259 0.65 -7.32 6.29
CA LEU A 259 0.33 -8.48 5.46
C LEU A 259 0.54 -8.26 3.98
N GLU A 260 0.27 -7.05 3.51
CA GLU A 260 0.63 -6.66 2.15
C GLU A 260 1.48 -5.44 2.37
N GLN A 261 2.70 -5.47 1.86
CA GLN A 261 3.61 -4.39 2.08
C GLN A 261 4.29 -4.00 0.78
N THR A 262 4.58 -2.70 0.67
CA THR A 262 5.26 -2.12 -0.47
C THR A 262 6.27 -1.14 0.07
N ASP A 263 7.48 -1.17 -0.46
CA ASP A 263 8.50 -0.21 -0.08
C ASP A 263 9.21 0.24 -1.34
N GLU A 264 9.08 1.52 -1.68
CA GLU A 264 9.88 2.10 -2.78
C GLU A 264 11.08 2.89 -2.26
N LYS A 265 12.12 2.90 -3.10
CA LYS A 265 13.38 3.51 -2.77
C LYS A 265 14.08 3.94 -4.08
N ASN A 266 14.88 5.00 -4.02
CA ASN A 266 15.79 5.35 -5.11
C ASN A 266 17.12 4.61 -4.84
N GLU A 267 17.39 3.54 -5.58
CA GLU A 267 18.67 2.84 -5.42
C GLU A 267 19.72 3.62 -6.22
N THR A 268 20.93 3.78 -5.66
CA THR A 268 21.94 4.59 -6.30
C THR A 268 23.32 3.94 -6.21
N LEU A 269 24.22 4.40 -7.07
CA LEU A 269 25.57 3.87 -7.16
C LEU A 269 26.44 4.91 -7.83
N THR A 270 27.67 5.10 -7.34
CA THR A 270 28.68 5.86 -8.08
CA THR A 270 28.69 5.88 -8.05
C THR A 270 29.83 4.93 -8.47
N THR A 271 30.25 5.02 -9.72
CA THR A 271 31.24 4.13 -10.27
C THR A 271 32.35 4.95 -10.91
N THR A 272 33.59 4.57 -10.60
CA THR A 272 34.75 5.17 -11.21
C THR A 272 35.19 4.23 -12.31
N VAL A 273 35.14 4.70 -13.55
CA VAL A 273 35.47 3.86 -14.70
C VAL A 273 36.90 4.20 -15.14
N GLU A 274 37.75 3.17 -15.32
CA GLU A 274 39.11 3.38 -15.81
C GLU A 274 39.12 3.23 -17.34
N VAL A 275 39.62 4.25 -18.02
CA VAL A 275 39.67 4.25 -19.48
C VAL A 275 41.16 4.26 -19.90
N PRO A 276 41.68 3.09 -20.33
CA PRO A 276 43.11 3.06 -20.72
C PRO A 276 43.44 3.84 -21.99
N PRO A 277 44.72 4.20 -22.18
CA PRO A 277 45.24 4.81 -23.41
C PRO A 277 44.79 4.10 -24.68
N LYS A 278 44.38 4.87 -25.69
CA LYS A 278 44.02 4.33 -27.00
C LYS A 278 42.93 3.26 -26.91
N LYS A 279 42.00 3.44 -25.99
CA LYS A 279 40.91 2.48 -25.79
C LYS A 279 39.55 3.17 -25.68
N LYS A 280 38.53 2.42 -26.09
CA LYS A 280 37.13 2.79 -25.92
C LYS A 280 36.56 1.88 -24.82
N VAL A 281 35.86 2.45 -23.84
CA VAL A 281 35.20 1.66 -22.81
C VAL A 281 33.71 1.96 -22.86
N ASP A 282 32.91 0.91 -23.03
CA ASP A 282 31.45 0.97 -22.92
C ASP A 282 31.04 0.43 -21.57
N VAL A 283 30.16 1.20 -20.92
CA VAL A 283 29.73 0.92 -19.58
C VAL A 283 28.23 0.62 -19.66
N HIS A 284 27.82 -0.52 -19.12
CA HIS A 284 26.42 -0.94 -19.19
C HIS A 284 25.92 -1.25 -17.77
N ILE A 285 24.97 -0.46 -17.32
CA ILE A 285 24.47 -0.50 -15.95
C ILE A 285 23.04 -1.05 -15.90
N THR A 286 22.84 -2.10 -15.12
CA THR A 286 21.57 -2.82 -15.09
C THR A 286 21.17 -3.17 -13.67
N ILE A 287 19.95 -3.66 -13.51
CA ILE A 287 19.53 -4.24 -12.25
C ILE A 287 18.64 -5.44 -12.53
N GLY A 288 18.66 -6.43 -11.63
CA GLY A 288 17.85 -7.63 -11.76
C GLY A 288 16.59 -7.53 -10.88
N ARG A 289 15.44 -7.82 -11.46
CA ARG A 289 14.17 -7.85 -10.72
C ARG A 289 13.60 -9.28 -10.76
N ALA A 290 13.30 -9.84 -9.59
CA ALA A 290 12.66 -11.18 -9.49
C ALA A 290 11.33 -11.10 -8.78
N SER A 291 10.34 -11.87 -9.25
CA SER A 291 9.07 -11.97 -8.57
C SER A 291 8.89 -13.36 -7.94
N PHE A 292 9.00 -13.43 -6.61
CA PHE A 292 8.78 -14.68 -5.87
C PHE A 292 7.29 -15.04 -5.78
N ASP A 293 7.01 -16.34 -5.89
CA ASP A 293 5.68 -16.85 -5.68
C ASP A 293 5.87 -18.23 -5.07
N LEU A 294 5.76 -18.33 -3.74
CA LEU A 294 5.99 -19.60 -3.09
C LEU A 294 5.25 -19.80 -1.77
N PRO A 295 5.08 -21.07 -1.35
CA PRO A 295 4.27 -21.29 -0.14
C PRO A 295 4.97 -20.90 1.14
N TYR A 296 4.19 -20.52 2.15
CA TYR A 296 4.73 -20.30 3.48
C TYR A 296 3.90 -21.00 4.56
N THR A 297 4.56 -21.32 5.66
CA THR A 297 3.88 -21.81 6.86
C THR A 297 4.19 -20.83 7.96
N GLY A 298 3.31 -20.76 8.96
CA GLY A 298 3.60 -19.94 10.12
C GLY A 298 2.56 -20.14 11.21
N THR A 299 2.67 -19.33 12.25
CA THR A 299 1.78 -19.40 13.43
C THR A 299 1.09 -18.07 13.59
N VAL A 300 -0.23 -18.10 13.70
CA VAL A 300 -1.00 -16.92 13.98
C VAL A 300 -1.11 -16.91 15.49
N LYS A 301 -0.66 -15.82 16.10
CA LYS A 301 -0.74 -15.63 17.53
C LYS A 301 -1.61 -14.43 17.88
N ILE A 302 -2.75 -14.70 18.51
CA ILE A 302 -3.66 -13.62 18.91
C ILE A 302 -3.48 -13.38 20.41
N THR A 303 -3.14 -12.15 20.79
CA THR A 303 -3.11 -11.77 22.20
C THR A 303 -4.28 -10.87 22.53
N CYS A 304 -5.12 -11.32 23.45
CA CYS A 304 -6.27 -10.55 23.86
C CYS A 304 -5.92 -9.49 24.87
N LYS A 305 -6.75 -8.46 24.94
CA LYS A 305 -6.63 -7.39 25.92
C LYS A 305 -6.61 -7.92 27.34
N ASN A 306 -7.33 -9.03 27.58
CA ASN A 306 -7.42 -9.61 28.94
C ASN A 306 -6.20 -10.49 29.27
N GLY A 307 -5.23 -10.57 28.36
CA GLY A 307 -3.98 -11.23 28.59
C GLY A 307 -3.81 -12.62 28.02
N SER A 308 -4.92 -13.26 27.65
CA SER A 308 -4.90 -14.61 27.17
C SER A 308 -4.48 -14.64 25.69
N VAL A 309 -4.25 -15.84 25.19
CA VAL A 309 -3.76 -16.00 23.84
CA VAL A 309 -3.68 -16.07 23.86
C VAL A 309 -4.43 -17.15 23.14
N LEU A 310 -4.66 -16.97 21.85
CA LEU A 310 -5.15 -18.04 21.02
C LEU A 310 -4.14 -18.11 19.89
N GLN A 311 -3.60 -19.29 19.63
CA GLN A 311 -2.70 -19.43 18.49
C GLN A 311 -3.04 -20.66 17.71
N TYR A 312 -2.66 -20.67 16.44
CA TYR A 312 -2.89 -21.81 15.61
C TYR A 312 -1.93 -21.68 14.43
N GLU A 313 -1.70 -22.81 13.79
CA GLU A 313 -0.78 -22.91 12.67
C GLU A 313 -1.51 -22.58 11.39
N THR A 314 -0.82 -21.94 10.45
CA THR A 314 -1.45 -21.59 9.18
C THR A 314 -0.47 -21.83 8.04
N LYS A 315 -1.02 -21.88 6.83
CA LYS A 315 -0.26 -22.11 5.61
C LYS A 315 -0.82 -21.18 4.55
N GLY A 316 0.03 -20.62 3.70
CA GLY A 316 -0.46 -19.77 2.61
C GLY A 316 0.53 -19.64 1.47
N GLN A 317 0.34 -18.61 0.68
CA GLN A 317 1.22 -18.26 -0.42
C GLN A 317 1.84 -16.89 -0.15
N TYR A 318 3.15 -16.83 -0.26
CA TYR A 318 3.90 -15.56 -0.23
C TYR A 318 4.16 -15.13 -1.66
N LYS A 319 3.94 -13.83 -1.92
CA LYS A 319 4.31 -13.25 -3.21
C LYS A 319 5.21 -12.06 -2.94
N GLY A 320 6.31 -11.98 -3.67
CA GLY A 320 7.30 -10.93 -3.43
C GLY A 320 7.94 -10.47 -4.73
N VAL A 321 8.23 -9.18 -4.81
CA VAL A 321 9.10 -8.64 -5.87
C VAL A 321 10.33 -8.12 -5.17
N ALA A 322 11.50 -8.57 -5.62
CA ALA A 322 12.77 -8.16 -5.05
C ALA A 322 13.80 -7.90 -6.16
N TYR A 323 14.85 -7.17 -5.81
CA TYR A 323 15.86 -6.71 -6.78
C TYR A 323 17.25 -7.07 -6.35
N THR A 324 18.14 -7.22 -7.33
CA THR A 324 19.57 -7.32 -7.04
C THR A 324 20.16 -5.94 -6.76
N ASP A 325 21.46 -5.90 -6.48
CA ASP A 325 22.20 -4.64 -6.50
C ASP A 325 22.31 -4.13 -7.94
N ILE A 326 22.54 -2.83 -8.07
CA ILE A 326 22.82 -2.24 -9.38
C ILE A 326 24.12 -2.86 -9.87
N LYS A 327 24.14 -3.30 -11.12
CA LYS A 327 25.31 -3.96 -11.69
C LYS A 327 25.93 -3.12 -12.80
N VAL A 328 27.27 -3.05 -12.79
CA VAL A 328 28.06 -2.36 -13.78
C VAL A 328 28.91 -3.36 -14.57
N ASN A 329 28.71 -3.38 -15.88
CA ASN A 329 29.46 -4.23 -16.79
C ASN A 329 30.27 -3.30 -17.69
N THR A 330 31.57 -3.51 -17.76
CA THR A 330 32.46 -2.63 -18.52
C THR A 330 33.10 -3.45 -19.64
N VAL A 331 33.13 -2.92 -20.87
CA VAL A 331 33.71 -3.61 -22.03
C VAL A 331 34.75 -2.71 -22.66
N GLU A 332 35.93 -3.27 -22.98
CA GLU A 332 37.01 -2.51 -23.61
C GLU A 332 37.13 -2.78 -25.11
N LYS A 333 37.10 -1.71 -25.90
CA LYS A 333 37.33 -1.76 -27.35
C LYS A 333 38.61 -0.98 -27.67
N ASP A 334 39.03 -1.01 -28.94
CA ASP A 334 40.37 -0.55 -29.29
C ASP A 334 40.42 0.82 -29.98
N LEU A 335 39.43 1.10 -30.84
CA LEU A 335 39.46 2.31 -31.67
C LEU A 335 39.79 3.60 -30.89
N SER B 19 38.16 24.84 -6.69
CA SER B 19 36.76 24.48 -6.30
C SER B 19 36.08 23.70 -7.44
N HIS B 20 35.05 22.94 -7.09
CA HIS B 20 34.41 22.04 -8.02
C HIS B 20 32.90 22.29 -8.05
N MET B 21 32.38 22.52 -9.26
CA MET B 21 31.00 22.92 -9.46
C MET B 21 30.21 21.73 -9.95
N THR B 22 29.07 21.43 -9.31
CA THR B 22 28.15 20.45 -9.86
C THR B 22 26.78 21.06 -10.07
N TYR B 23 26.00 20.41 -10.91
CA TYR B 23 24.73 20.96 -11.34
C TYR B 23 23.68 19.85 -11.28
N PRO B 24 22.41 20.20 -11.07
CA PRO B 24 21.38 19.18 -11.00
C PRO B 24 20.95 18.67 -12.38
N THR B 25 21.34 19.36 -13.44
CA THR B 25 21.03 18.92 -14.80
C THR B 25 22.28 18.69 -15.63
N ASN B 26 22.14 17.82 -16.62
CA ASN B 26 23.21 17.43 -17.52
C ASN B 26 22.74 17.79 -18.95
N LEU B 27 23.54 18.56 -19.67
CA LEU B 27 23.15 19.05 -21.00
C LEU B 27 24.43 19.19 -21.80
N GLU B 28 24.49 18.52 -22.94
CA GLU B 28 25.61 18.62 -23.87
C GLU B 28 25.03 18.97 -25.22
N ILE B 29 25.31 20.18 -25.71
CA ILE B 29 24.73 20.71 -26.94
C ILE B 29 25.68 20.46 -28.11
N ILE B 30 25.14 19.98 -29.22
CA ILE B 30 25.95 19.60 -30.38
C ILE B 30 25.43 20.34 -31.61
N GLY B 31 26.34 20.88 -32.41
CA GLY B 31 26.01 21.55 -33.64
C GLY B 31 26.80 22.84 -33.82
N GLY B 32 26.22 23.79 -34.53
CA GLY B 32 26.87 25.05 -34.85
C GLY B 32 26.45 26.21 -33.99
N GLN B 33 26.90 27.40 -34.39
CA GLN B 33 26.65 28.64 -33.69
C GLN B 33 25.57 29.54 -34.28
N GLY B 34 24.96 29.18 -35.40
CA GLY B 34 23.94 30.03 -36.00
C GLY B 34 22.60 30.00 -35.26
N GLY B 35 21.62 30.66 -35.86
CA GLY B 35 20.25 30.72 -35.36
C GLY B 35 20.09 31.44 -34.03
N SER B 36 18.91 31.29 -33.44
CA SER B 36 18.55 31.94 -32.17
C SER B 36 18.34 30.94 -31.04
N SER B 37 18.78 31.30 -29.84
CA SER B 37 18.71 30.40 -28.68
C SER B 37 17.28 30.02 -28.31
N PHE B 38 17.12 28.76 -27.89
CA PHE B 38 15.87 28.30 -27.28
C PHE B 38 16.16 27.40 -26.09
N SER B 39 15.22 27.41 -25.16
CA SER B 39 15.26 26.60 -23.96
C SER B 39 13.83 26.13 -23.63
N PHE B 40 13.63 24.83 -23.69
CA PHE B 40 12.31 24.24 -23.53
C PHE B 40 12.40 23.02 -22.60
N THR B 41 12.28 23.28 -21.28
CA THR B 41 12.55 22.29 -20.29
C THR B 41 11.62 22.43 -19.10
N GLY B 42 11.53 21.35 -18.31
CA GLY B 42 10.73 21.34 -17.10
C GLY B 42 11.51 21.66 -15.85
N GLU B 43 12.64 22.35 -15.99
CA GLU B 43 13.44 22.80 -14.83
C GLU B 43 12.60 23.51 -13.78
N ASN B 44 11.61 24.26 -14.24
CA ASN B 44 10.74 25.05 -13.37
C ASN B 44 9.70 24.25 -12.58
N ASN B 45 9.24 23.12 -13.10
CA ASN B 45 8.08 22.41 -12.53
C ASN B 45 8.16 20.87 -12.56
N GLY B 46 9.32 20.33 -12.88
CA GLY B 46 9.50 18.89 -12.94
C GLY B 46 8.94 18.25 -14.20
N ALA B 47 8.49 19.03 -15.18
CA ALA B 47 7.88 18.41 -16.36
C ALA B 47 8.96 17.66 -17.13
N SER B 48 8.57 16.59 -17.82
CA SER B 48 9.48 15.80 -18.65
C SER B 48 9.08 15.84 -20.10
N LEU B 49 10.02 15.48 -20.96
CA LEU B 49 9.76 15.33 -22.38
C LEU B 49 8.81 14.18 -22.61
N GLU B 50 7.65 14.47 -23.16
CA GLU B 50 6.64 13.47 -23.35
C GLU B 50 6.48 12.99 -24.80
N LYS B 51 6.77 13.84 -25.75
CA LYS B 51 6.72 13.48 -27.17
C LYS B 51 7.66 14.34 -27.97
N ILE B 52 8.19 13.78 -29.04
CA ILE B 52 9.06 14.53 -29.90
C ILE B 52 8.83 14.13 -31.36
N TRP B 53 8.74 15.14 -32.22
CA TRP B 53 8.72 14.95 -33.68
C TRP B 53 10.01 15.52 -34.25
N VAL B 54 10.62 14.79 -35.18
CA VAL B 54 11.89 15.22 -35.78
C VAL B 54 11.74 15.21 -37.31
N TRP B 55 12.11 16.32 -37.93
CA TRP B 55 12.11 16.49 -39.39
C TRP B 55 13.56 16.59 -39.84
N VAL B 56 13.91 15.79 -40.81
CA VAL B 56 15.31 15.75 -41.23
C VAL B 56 15.46 16.39 -42.58
N GLY B 57 16.68 16.80 -42.91
CA GLY B 57 16.96 17.22 -44.26
C GLY B 57 18.20 16.50 -44.78
N GLY B 58 18.72 16.95 -45.89
CA GLY B 58 19.91 16.33 -46.46
C GLY B 58 21.20 16.49 -45.69
N TRP B 59 21.38 17.64 -45.07
CA TRP B 59 22.63 17.98 -44.36
C TRP B 59 22.36 18.61 -42.99
N GLN B 60 21.19 18.34 -42.46
CA GLN B 60 20.84 18.83 -41.15
C GLN B 60 19.63 18.11 -40.60
N ILE B 61 19.45 18.27 -39.31
CA ILE B 61 18.13 18.18 -38.73
C ILE B 61 17.42 19.50 -39.00
N LYS B 62 16.24 19.40 -39.59
CA LYS B 62 15.46 20.52 -40.07
C LYS B 62 14.65 21.21 -38.97
N ALA B 63 14.01 20.40 -38.15
CA ALA B 63 13.11 20.93 -37.08
C ALA B 63 12.82 19.86 -36.05
N VAL B 64 12.44 20.31 -34.85
CA VAL B 64 12.04 19.45 -33.76
C VAL B 64 10.81 20.11 -33.11
N ARG B 65 9.75 19.34 -32.93
CA ARG B 65 8.62 19.75 -32.10
C ARG B 65 8.60 18.86 -30.86
N ALA B 66 8.42 19.50 -29.68
CA ALA B 66 8.52 18.79 -28.44
C ALA B 66 7.31 19.10 -27.61
N TRP B 67 6.83 18.11 -26.90
CA TRP B 67 5.77 18.28 -25.90
C TRP B 67 6.33 17.91 -24.54
N LEU B 68 6.08 18.73 -23.53
CA LEU B 68 6.40 18.38 -22.14
C LEU B 68 5.14 17.87 -21.42
N SER B 69 5.37 17.09 -20.36
CA SER B 69 4.28 16.46 -19.59
C SER B 69 3.29 17.45 -18.98
N ASP B 70 3.67 18.72 -18.84
CA ASP B 70 2.72 19.75 -18.37
C ASP B 70 1.80 20.34 -19.46
N GLY B 71 1.86 19.82 -20.68
CA GLY B 71 1.05 20.34 -21.77
C GLY B 71 1.71 21.36 -22.71
N ARG B 72 2.89 21.88 -22.38
CA ARG B 72 3.59 22.80 -23.27
C ARG B 72 4.00 22.09 -24.55
N ASP B 73 4.00 22.84 -25.65
CA ASP B 73 4.25 22.29 -27.01
C ASP B 73 4.92 23.40 -27.80
N GLU B 74 6.15 23.16 -28.28
CA GLU B 74 6.85 24.16 -29.07
C GLU B 74 7.61 23.52 -30.22
N THR B 75 7.72 24.24 -31.33
CA THR B 75 8.50 23.82 -32.51
C THR B 75 9.71 24.72 -32.73
N PHE B 76 10.85 24.12 -33.02
CA PHE B 76 12.07 24.85 -33.31
C PHE B 76 12.56 24.43 -34.68
N GLY B 77 13.10 25.39 -35.45
CA GLY B 77 13.41 25.17 -36.86
C GLY B 77 12.13 25.16 -37.67
N VAL B 78 12.26 24.92 -38.96
CA VAL B 78 11.12 24.94 -39.87
C VAL B 78 10.90 23.57 -40.49
N PRO B 79 9.78 22.91 -40.13
CA PRO B 79 9.52 21.58 -40.65
C PRO B 79 9.50 21.56 -42.18
N SER B 80 9.93 20.45 -42.75
CA SER B 80 9.77 20.15 -44.15
C SER B 80 9.65 18.62 -44.25
N GLY B 81 8.69 18.14 -45.01
CA GLY B 81 8.52 16.70 -45.16
C GLY B 81 7.79 16.06 -43.99
N SER B 82 7.84 14.74 -43.90
CA SER B 82 7.20 14.01 -42.83
C SER B 82 8.13 13.97 -41.65
N HIS B 83 7.57 13.68 -40.48
CA HIS B 83 8.38 13.63 -39.27
C HIS B 83 8.48 12.20 -38.76
N GLN B 84 9.53 11.93 -37.98
CA GLN B 84 9.60 10.76 -37.15
C GLN B 84 9.12 11.18 -35.75
N GLU B 85 8.49 10.24 -35.04
CA GLU B 85 7.91 10.48 -33.71
C GLU B 85 8.49 9.57 -32.66
N TYR B 86 8.67 10.08 -31.44
CA TYR B 86 8.77 9.20 -30.31
C TYR B 86 7.84 9.71 -29.20
N VAL B 87 7.00 8.81 -28.70
CA VAL B 87 6.07 9.09 -27.60
C VAL B 87 6.53 8.35 -26.35
N PHE B 88 6.86 9.10 -25.29
CA PHE B 88 7.31 8.52 -24.04
C PHE B 88 6.13 8.28 -23.07
N THR B 89 6.05 7.09 -22.47
CA THR B 89 5.04 6.81 -21.47
C THR B 89 5.55 7.17 -20.10
N PRO B 90 4.65 7.39 -19.13
CA PRO B 90 5.16 7.80 -17.81
C PRO B 90 6.07 6.77 -17.19
N GLY B 91 7.21 7.21 -16.67
CA GLY B 91 8.16 6.31 -16.11
C GLY B 91 9.20 5.85 -17.14
N GLU B 92 8.95 6.09 -18.43
CA GLU B 92 9.95 5.75 -19.46
C GLU B 92 11.10 6.75 -19.45
N CYS B 93 12.32 6.26 -19.28
CA CYS B 93 13.51 7.08 -19.16
C CYS B 93 14.47 6.68 -20.28
N PHE B 94 15.38 7.58 -20.62
CA PHE B 94 16.42 7.29 -21.59
C PHE B 94 17.40 6.35 -20.89
N THR B 95 17.96 5.40 -21.62
CA THR B 95 19.11 4.64 -21.15
C THR B 95 20.39 5.09 -21.82
N SER B 96 20.25 5.61 -23.03
CA SER B 96 21.41 6.09 -23.78
C SER B 96 20.95 7.16 -24.79
N LEU B 97 21.89 7.99 -25.20
CA LEU B 97 21.67 9.03 -26.18
C LEU B 97 23.00 9.29 -26.90
N SER B 98 22.99 9.31 -28.21
CA SER B 98 24.09 9.90 -28.97
C SER B 98 23.58 10.96 -29.88
N LEU B 99 24.40 12.00 -30.06
CA LEU B 99 24.13 13.03 -31.04
C LEU B 99 25.30 13.12 -32.06
N TRP B 100 24.97 13.52 -33.29
CA TRP B 100 25.97 13.83 -34.30
C TRP B 100 25.70 15.25 -34.78
N GLY B 101 26.78 15.97 -35.09
CA GLY B 101 26.65 17.14 -35.94
C GLY B 101 26.46 16.73 -37.39
N ASN B 102 26.53 17.69 -38.30
CA ASN B 102 26.44 17.40 -39.72
C ASN B 102 27.82 17.18 -40.38
N GLY B 103 28.87 17.14 -39.57
CA GLY B 103 30.23 16.89 -40.08
C GLY B 103 30.97 18.19 -40.38
N ALA B 104 30.22 19.23 -40.71
CA ALA B 104 30.75 20.58 -40.99
C ALA B 104 30.73 21.52 -39.78
N GLY B 105 30.20 21.06 -38.66
CA GLY B 105 30.12 21.89 -37.47
C GLY B 105 29.06 22.97 -37.53
N THR B 106 28.10 22.88 -38.46
CA THR B 106 27.16 23.98 -38.63
C THR B 106 25.71 23.62 -38.33
N ARG B 107 25.40 22.34 -38.17
CA ARG B 107 24.02 21.95 -37.83
C ARG B 107 24.09 20.68 -36.99
N LEU B 108 23.02 20.41 -36.25
CA LEU B 108 22.76 19.05 -35.77
C LEU B 108 22.50 18.16 -36.98
N GLY B 109 23.03 16.95 -36.93
CA GLY B 109 22.91 15.96 -38.01
C GLY B 109 22.14 14.71 -37.67
N ALA B 110 22.16 14.29 -36.42
CA ALA B 110 21.44 13.06 -36.02
C ALA B 110 21.23 12.92 -34.52
N ILE B 111 20.15 12.20 -34.18
CA ILE B 111 19.77 11.89 -32.81
C ILE B 111 19.53 10.37 -32.73
N LYS B 112 20.16 9.73 -31.76
CA LYS B 112 19.90 8.33 -31.46
C LYS B 112 19.72 8.14 -29.98
N PHE B 113 18.62 7.49 -29.57
CA PHE B 113 18.44 7.13 -28.16
C PHE B 113 17.74 5.78 -27.99
N LYS B 114 17.85 5.27 -26.76
CA LYS B 114 17.20 4.04 -26.31
C LYS B 114 16.57 4.31 -24.97
N THR B 115 15.54 3.55 -24.66
CA THR B 115 14.78 3.81 -23.42
C THR B 115 14.73 2.59 -22.53
N ASN B 116 14.35 2.81 -21.25
CA ASN B 116 14.28 1.70 -20.31
C ASN B 116 13.04 0.79 -20.53
N LYS B 117 12.21 1.12 -21.51
CA LYS B 117 11.14 0.24 -21.94
C LYS B 117 11.44 -0.50 -23.21
N GLY B 118 12.70 -0.51 -23.64
CA GLY B 118 13.13 -1.25 -24.82
C GLY B 118 13.02 -0.52 -26.15
N GLY B 119 12.69 0.77 -26.12
CA GLY B 119 12.47 1.56 -27.35
C GLY B 119 13.81 2.07 -27.85
N GLU B 120 13.87 2.32 -29.14
CA GLU B 120 14.98 2.96 -29.79
C GLU B 120 14.44 3.95 -30.81
N PHE B 121 15.22 4.98 -31.06
CA PHE B 121 14.83 6.02 -32.01
C PHE B 121 16.10 6.51 -32.67
N PHE B 122 16.05 6.65 -33.99
CA PHE B 122 17.22 7.16 -34.77
C PHE B 122 16.72 8.03 -35.93
N ALA B 123 17.04 9.30 -35.87
CA ALA B 123 16.67 10.28 -36.88
C ALA B 123 17.96 10.97 -37.35
N HIS B 124 18.20 10.97 -38.66
CA HIS B 124 19.45 11.48 -39.20
C HIS B 124 19.25 12.15 -40.54
N MET B 125 20.11 13.13 -40.80
CA MET B 125 20.19 13.73 -42.14
C MET B 125 20.35 12.65 -43.22
N THR B 126 19.87 12.94 -44.43
CA THR B 126 19.65 11.91 -45.44
C THR B 126 20.72 11.87 -46.54
N SER B 127 21.51 12.93 -46.73
CA SER B 127 22.47 12.94 -47.85
C SER B 127 23.91 12.83 -47.38
N TRP B 128 24.31 13.74 -46.51
CA TRP B 128 25.66 13.75 -45.98
C TRP B 128 25.84 12.61 -45.00
N GLY B 129 27.05 12.02 -45.00
CA GLY B 129 27.38 10.91 -44.08
C GLY B 129 27.60 11.37 -42.65
N LEU B 130 27.30 10.52 -41.67
CA LEU B 130 27.53 10.86 -40.28
C LEU B 130 29.03 10.66 -39.99
N LYS B 131 29.60 11.57 -39.23
CA LYS B 131 30.99 11.49 -38.78
C LYS B 131 31.08 11.24 -37.26
N THR B 132 31.55 12.20 -36.45
CA THR B 132 31.86 11.89 -35.06
C THR B 132 30.56 11.71 -34.26
N GLU B 133 30.43 10.56 -33.60
CA GLU B 133 29.34 10.32 -32.66
C GLU B 133 29.71 10.88 -31.29
N TYR B 134 28.76 11.53 -30.62
CA TYR B 134 28.91 12.07 -29.28
C TYR B 134 27.92 11.34 -28.36
N PRO B 135 28.40 10.33 -27.63
CA PRO B 135 27.58 9.61 -26.65
C PRO B 135 27.46 10.42 -25.36
N MET B 136 26.24 10.49 -24.85
CA MET B 136 25.93 11.32 -23.71
C MET B 136 25.63 10.51 -22.47
N ASP B 137 25.88 11.12 -21.31
CA ASP B 137 25.49 10.55 -20.01
C ASP B 137 24.10 11.07 -19.71
N VAL B 138 23.13 10.17 -19.65
CA VAL B 138 21.73 10.59 -19.46
C VAL B 138 21.39 10.86 -17.99
N GLY B 139 22.37 10.81 -17.10
CA GLY B 139 22.07 11.08 -15.68
C GLY B 139 21.13 10.06 -15.08
N SER B 140 20.04 10.53 -14.50
CA SER B 140 18.96 9.67 -14.01
C SER B 140 18.19 9.00 -15.14
N GLY B 141 18.30 9.57 -16.34
CA GLY B 141 17.48 9.15 -17.51
C GLY B 141 16.21 9.95 -17.72
N TYR B 142 15.86 10.76 -16.72
CA TYR B 142 14.68 11.62 -16.78
C TYR B 142 15.00 12.86 -17.59
N CYS B 143 14.36 12.99 -18.75
CA CYS B 143 14.69 14.07 -19.66
C CYS B 143 13.73 15.20 -19.44
N LEU B 144 14.28 16.37 -19.10
CA LEU B 144 13.54 17.59 -18.79
C LEU B 144 13.17 18.41 -20.02
N GLY B 145 13.82 18.14 -21.15
CA GLY B 145 13.46 18.82 -22.39
C GLY B 145 14.71 19.04 -23.25
N ILE B 146 14.66 20.09 -24.06
CA ILE B 146 15.66 20.37 -25.05
C ILE B 146 16.09 21.83 -25.03
N VAL B 147 17.33 22.06 -25.43
CA VAL B 147 17.94 23.39 -25.43
C VAL B 147 18.85 23.48 -26.65
N GLY B 148 18.83 24.59 -27.36
CA GLY B 148 19.75 24.77 -28.45
C GLY B 148 19.55 26.07 -29.17
N ARG B 149 19.78 26.04 -30.48
CA ARG B 149 19.54 27.19 -31.32
C ARG B 149 18.90 26.73 -32.62
N GLY B 150 17.95 27.51 -33.10
CA GLY B 150 17.33 27.21 -34.38
C GLY B 150 17.03 28.48 -35.20
N GLY B 151 16.84 28.28 -36.48
CA GLY B 151 16.43 29.32 -37.42
C GLY B 151 15.61 28.60 -38.46
N SER B 152 16.15 28.47 -39.66
CA SER B 152 15.53 27.63 -40.66
C SER B 152 15.60 26.15 -40.25
N ASP B 153 16.71 25.80 -39.61
CA ASP B 153 17.07 24.45 -39.26
C ASP B 153 17.35 24.37 -37.77
N ILE B 154 17.77 23.20 -37.32
CA ILE B 154 18.34 23.07 -35.99
C ILE B 154 19.84 23.27 -36.05
N ASP B 155 20.27 24.45 -35.65
CA ASP B 155 21.71 24.77 -35.66
C ASP B 155 22.46 23.95 -34.65
N CYS B 156 21.89 23.85 -33.45
CA CYS B 156 22.45 22.99 -32.44
C CYS B 156 21.40 22.58 -31.43
N MET B 157 21.64 21.46 -30.77
CA MET B 157 20.67 21.03 -29.73
C MET B 157 21.32 20.09 -28.78
N GLY B 158 20.76 20.03 -27.58
CA GLY B 158 21.07 18.96 -26.62
C GLY B 158 19.81 18.65 -25.83
N PHE B 159 19.81 17.49 -25.20
CA PHE B 159 18.72 17.05 -24.35
C PHE B 159 19.16 17.27 -22.90
N MET B 160 18.32 17.91 -22.10
CA MET B 160 18.66 18.12 -20.70
C MET B 160 18.11 16.97 -19.84
N PHE B 161 18.97 16.41 -19.01
CA PHE B 161 18.58 15.37 -18.08
C PHE B 161 18.76 15.84 -16.65
N LEU B 162 17.89 15.34 -15.77
CA LEU B 162 18.16 15.43 -14.33
C LEU B 162 19.29 14.45 -14.00
N ASN B 163 20.28 14.92 -13.23
CA ASN B 163 21.41 14.05 -12.86
C ASN B 163 20.94 12.98 -11.90
N ALA B 164 21.70 11.90 -11.73
CA ALA B 164 21.30 10.83 -10.79
C ALA B 164 20.85 11.41 -9.44
N VAL B 165 19.73 10.89 -8.93
CA VAL B 165 19.10 11.42 -7.74
CA VAL B 165 19.10 11.43 -7.72
C VAL B 165 19.45 10.64 -6.44
N GLN B 166 19.71 11.36 -5.36
CA GLN B 166 19.93 10.79 -4.02
C GLN B 166 18.58 10.71 -3.30
N SER B 167 17.80 11.78 -3.38
CA SER B 167 16.47 11.80 -2.77
C SER B 167 15.55 12.80 -3.48
N THR B 168 14.25 12.49 -3.45
CA THR B 168 13.22 13.35 -3.98
C THR B 168 12.15 13.41 -2.89
N VAL B 169 11.90 14.61 -2.38
CA VAL B 169 11.07 14.82 -1.21
C VAL B 169 10.03 15.91 -1.47
N LEU B 170 8.77 15.64 -1.12
CA LEU B 170 7.75 16.65 -1.09
C LEU B 170 7.68 17.20 0.33
N THR B 171 7.94 18.49 0.48
CA THR B 171 8.02 19.11 1.81
C THR B 171 7.30 20.44 1.80
N ASN B 172 7.34 21.14 2.94
CA ASN B 172 6.65 22.42 3.11
C ASN B 172 5.19 22.33 2.67
N VAL B 173 4.53 21.28 3.11
CA VAL B 173 3.16 20.99 2.68
C VAL B 173 2.18 21.82 3.50
N ASN B 174 1.27 22.51 2.81
CA ASN B 174 0.16 23.20 3.46
C ASN B 174 -1.17 22.78 2.83
N TYR B 175 -2.24 22.90 3.62
CA TYR B 175 -3.59 22.61 3.19
C TYR B 175 -4.34 23.94 3.40
N PRO B 176 -4.42 24.77 2.37
CA PRO B 176 -4.90 26.14 2.61
C PRO B 176 -6.40 26.26 2.92
N THR B 177 -7.19 25.23 2.63
CA THR B 177 -8.61 25.22 2.99
C THR B 177 -8.96 24.49 4.31
N ILE B 178 -7.96 23.92 4.96
CA ILE B 178 -8.20 23.04 6.12
C ILE B 178 -8.94 23.71 7.27
N ASN B 179 -8.73 25.02 7.50
CA ASN B 179 -9.46 25.71 8.59
C ASN B 179 -10.90 26.09 8.25
N GLN B 180 -11.31 25.93 6.99
CA GLN B 180 -12.69 26.21 6.62
C GLN B 180 -13.53 24.97 6.54
N LEU B 181 -12.86 23.84 6.35
CA LEU B 181 -13.51 22.57 6.08
C LEU B 181 -14.43 22.12 7.22
N ILE B 182 -15.61 21.63 6.85
CA ILE B 182 -16.50 20.96 7.80
C ILE B 182 -16.53 19.51 7.34
N PRO B 183 -15.99 18.61 8.15
CA PRO B 183 -15.83 17.24 7.68
C PRO B 183 -17.10 16.43 7.89
N LYS B 184 -17.42 15.58 6.93
CA LYS B 184 -18.44 14.56 7.11
C LYS B 184 -17.78 13.39 7.84
N VAL B 185 -18.27 13.08 9.04
CA VAL B 185 -17.72 12.01 9.87
C VAL B 185 -18.75 10.91 10.05
N ALA B 186 -18.50 9.73 9.47
CA ALA B 186 -19.48 8.66 9.53
C ALA B 186 -19.26 7.82 10.78
N THR B 187 -20.35 7.34 11.40
CA THR B 187 -20.21 6.51 12.57
C THR B 187 -20.11 5.05 12.19
N GLU B 188 -19.12 4.39 12.74
CA GLU B 188 -19.02 2.93 12.69
C GLU B 188 -19.33 2.38 14.09
N GLU B 189 -20.33 1.51 14.16
CA GLU B 189 -20.70 0.88 15.43
C GLU B 189 -19.68 -0.18 15.69
N ILE B 190 -19.24 -0.26 16.94
CA ILE B 190 -18.35 -1.32 17.32
C ILE B 190 -19.06 -2.34 18.19
N LYS B 191 -19.69 -1.90 19.27
CA LYS B 191 -20.39 -2.86 20.11
C LYS B 191 -21.33 -2.14 21.06
N SER B 192 -22.41 -2.83 21.41
CA SER B 192 -23.36 -2.35 22.38
C SER B 192 -23.67 -3.51 23.34
N VAL B 193 -23.81 -3.20 24.61
CA VAL B 193 -24.21 -4.21 25.59
C VAL B 193 -24.99 -3.51 26.69
N SER B 194 -25.84 -4.27 27.37
CA SER B 194 -26.72 -3.75 28.38
C SER B 194 -26.40 -4.46 29.69
N PHE B 195 -26.41 -3.71 30.80
CA PHE B 195 -26.24 -4.28 32.13
C PHE B 195 -27.47 -3.91 32.94
N GLU B 196 -27.77 -4.71 33.95
CA GLU B 196 -28.89 -4.45 34.85
C GLU B 196 -28.46 -4.58 36.29
N ASN B 197 -28.79 -3.54 37.07
CA ASN B 197 -28.48 -3.51 38.51
C ASN B 197 -29.79 -3.44 39.29
N LYS B 198 -30.21 -4.58 39.81
CA LYS B 198 -31.49 -4.65 40.54
C LYS B 198 -31.32 -4.34 42.04
N THR B 199 -30.07 -4.17 42.48
CA THR B 199 -29.76 -3.94 43.89
C THR B 199 -29.78 -2.44 44.20
N SER B 200 -29.71 -2.12 45.50
CA SER B 200 -29.71 -0.73 45.95
C SER B 200 -28.29 -0.16 46.09
N VAL B 201 -27.30 -0.87 45.52
CA VAL B 201 -25.92 -0.37 45.50
C VAL B 201 -25.39 -0.38 44.06
N LYS B 202 -24.61 0.64 43.74
CA LYS B 202 -23.91 0.72 42.45
C LYS B 202 -22.98 -0.49 42.21
N GLN B 203 -22.79 -0.80 40.92
CA GLN B 203 -22.02 -1.97 40.45
C GLN B 203 -21.06 -1.55 39.32
N GLU B 204 -19.93 -2.25 39.17
CA GLU B 204 -18.92 -1.94 38.16
C GLU B 204 -18.76 -3.07 37.13
N GLN B 205 -18.73 -2.72 35.83
CA GLN B 205 -18.53 -3.69 34.74
C GLN B 205 -17.40 -3.26 33.83
N LYS B 206 -16.50 -4.18 33.54
CA LYS B 206 -15.38 -3.87 32.66
C LYS B 206 -15.80 -4.25 31.24
N VAL B 207 -15.53 -3.39 30.27
CA VAL B 207 -15.82 -3.69 28.87
C VAL B 207 -14.56 -3.38 28.07
N GLU B 208 -14.09 -4.36 27.32
CA GLU B 208 -12.92 -4.22 26.47
C GLU B 208 -13.36 -4.18 25.01
N THR B 209 -12.73 -3.29 24.23
CA THR B 209 -13.11 -3.07 22.85
C THR B 209 -11.88 -3.15 21.97
N SER B 210 -12.04 -3.74 20.80
CA SER B 210 -11.03 -3.65 19.74
C SER B 210 -11.69 -3.42 18.40
N LYS B 211 -10.99 -2.66 17.55
CA LYS B 211 -11.51 -2.28 16.24
C LYS B 211 -10.34 -2.00 15.29
N LYS B 212 -10.35 -2.67 14.15
CA LYS B 212 -9.36 -2.42 13.10
C LYS B 212 -9.69 -1.11 12.42
N VAL B 213 -8.72 -0.24 12.31
CA VAL B 213 -8.92 1.00 11.52
C VAL B 213 -7.88 0.99 10.41
N ILE B 214 -8.27 1.48 9.24
CA ILE B 214 -7.31 1.61 8.13
C ILE B 214 -7.24 3.08 7.78
N LYS B 215 -6.12 3.70 8.13
CA LYS B 215 -5.87 5.12 7.85
C LYS B 215 -5.11 5.25 6.54
N THR B 216 -5.49 6.21 5.70
CA THR B 216 -4.81 6.41 4.41
C THR B 216 -4.46 7.88 4.16
N SER B 217 -3.39 8.07 3.39
CA SER B 217 -2.95 9.36 2.94
C SER B 217 -2.47 9.25 1.51
N SER B 218 -2.79 10.22 0.68
CA SER B 218 -2.16 10.28 -0.63
C SER B 218 -2.09 11.71 -1.14
N TRP B 219 -0.97 12.06 -1.76
CA TRP B 219 -0.78 13.39 -2.32
C TRP B 219 -0.59 13.19 -3.81
N SER B 220 -1.45 13.80 -4.62
CA SER B 220 -1.38 13.60 -6.08
C SER B 220 -0.10 14.24 -6.63
N MET B 221 0.41 13.66 -7.70
CA MET B 221 1.64 14.12 -8.32
C MET B 221 1.54 13.73 -9.79
N THR B 222 2.15 14.53 -10.63
CA THR B 222 2.27 14.21 -12.05
C THR B 222 2.87 12.81 -12.17
N LYS B 223 2.22 11.99 -12.98
CA LYS B 223 2.52 10.56 -13.05
C LYS B 223 3.92 10.29 -13.59
N SER B 224 4.34 11.09 -14.57
CA SER B 224 5.69 10.96 -15.12
C SER B 224 6.74 11.01 -13.99
N PHE B 225 6.63 12.01 -13.14
CA PHE B 225 7.59 12.19 -12.04
C PHE B 225 7.50 11.09 -10.99
N SER B 226 6.29 10.82 -10.49
CA SER B 226 6.10 9.82 -9.46
C SER B 226 6.35 8.39 -9.97
N SER B 227 6.20 8.12 -11.27
CA SER B 227 6.62 6.80 -11.79
C SER B 227 8.14 6.62 -11.89
N THR B 228 8.89 7.71 -12.03
CA THR B 228 10.35 7.63 -12.17
C THR B 228 11.11 7.67 -10.86
N PHE B 229 10.57 8.39 -9.87
CA PHE B 229 11.27 8.65 -8.65
C PHE B 229 10.42 8.19 -7.46
N SER B 230 11.11 7.77 -6.41
CA SER B 230 10.44 7.38 -5.16
C SER B 230 10.30 8.66 -4.36
N VAL B 231 9.09 9.20 -4.30
CA VAL B 231 8.90 10.45 -3.62
C VAL B 231 8.53 10.23 -2.14
N GLU B 232 9.38 10.70 -1.25
CA GLU B 232 9.11 10.70 0.17
C GLU B 232 8.36 11.99 0.50
N VAL B 233 7.49 11.96 1.51
CA VAL B 233 6.67 13.12 1.86
C VAL B 233 7.01 13.51 3.29
N SER B 234 7.39 14.77 3.48
CA SER B 234 7.62 15.32 4.81
C SER B 234 6.45 16.28 5.09
N ALA B 235 5.42 15.78 5.77
CA ALA B 235 4.19 16.56 5.93
C ALA B 235 3.40 16.20 7.20
N GLY B 236 2.64 17.19 7.66
CA GLY B 236 1.59 16.96 8.64
C GLY B 236 0.40 16.48 7.83
N ILE B 237 -0.47 15.68 8.43
CA ILE B 237 -1.71 15.32 7.76
C ILE B 237 -2.92 15.81 8.54
N PRO B 238 -4.06 15.87 7.87
CA PRO B 238 -5.30 16.18 8.55
C PRO B 238 -5.66 15.08 9.54
N GLU B 239 -6.13 15.49 10.70
CA GLU B 239 -6.58 14.56 11.73
C GLU B 239 -7.95 15.03 12.17
N ILE B 240 -8.69 14.08 12.72
CA ILE B 240 -10.06 14.32 13.18
C ILE B 240 -10.19 13.97 14.66
N ALA B 241 -10.95 14.77 15.39
CA ALA B 241 -11.18 14.54 16.82
C ALA B 241 -12.60 14.98 17.18
N GLU B 242 -13.15 14.40 18.25
CA GLU B 242 -14.44 14.85 18.76
C GLU B 242 -14.24 15.55 20.11
N VAL B 243 -14.65 16.82 20.18
CA VAL B 243 -14.57 17.62 21.40
C VAL B 243 -15.99 17.69 21.99
N SER B 244 -16.19 18.54 22.98
CA SER B 244 -17.54 18.80 23.53
C SER B 244 -18.48 19.42 22.48
N THR B 245 -18.00 20.45 21.78
CA THR B 245 -18.81 21.16 20.77
C THR B 245 -18.96 20.41 19.43
N GLY B 246 -18.39 19.21 19.33
CA GLY B 246 -18.55 18.34 18.16
C GLY B 246 -17.22 17.81 17.66
N PHE B 247 -17.06 17.76 16.33
CA PHE B 247 -15.81 17.32 15.71
C PHE B 247 -14.89 18.50 15.43
N SER B 248 -13.58 18.26 15.47
CA SER B 248 -12.60 19.27 15.10
C SER B 248 -11.50 18.66 14.24
N ILE B 249 -11.19 19.34 13.14
CA ILE B 249 -10.06 18.98 12.28
C ILE B 249 -8.82 19.72 12.75
N SER B 250 -7.69 19.03 12.76
CA SER B 250 -6.41 19.64 13.06
C SER B 250 -5.35 19.27 12.01
N PHE B 251 -4.37 20.13 11.92
CA PHE B 251 -3.22 19.98 11.05
C PHE B 251 -2.15 19.31 11.90
N GLY B 252 -1.99 17.99 11.74
CA GLY B 252 -1.06 17.25 12.60
C GLY B 252 0.43 17.58 12.44
N VAL B 253 1.24 16.92 13.27
CA VAL B 253 2.68 17.14 13.35
C VAL B 253 3.37 16.56 12.11
N GLU B 254 4.34 17.29 11.58
CA GLU B 254 5.10 16.86 10.40
C GLU B 254 5.92 15.59 10.66
N SER B 255 5.76 14.60 9.79
CA SER B 255 6.58 13.38 9.81
C SER B 255 6.77 12.85 8.38
N THR B 256 7.46 11.73 8.24
CA THR B 256 7.74 11.14 6.93
C THR B 256 6.64 10.17 6.51
N HIS B 257 6.22 10.28 5.25
CA HIS B 257 5.24 9.42 4.63
C HIS B 257 5.70 9.05 3.21
N SER B 258 5.08 8.03 2.64
CA SER B 258 5.21 7.73 1.23
C SER B 258 4.08 8.47 0.53
N LEU B 259 4.19 8.62 -0.77
CA LEU B 259 3.25 9.42 -1.52
C LEU B 259 1.83 8.85 -1.51
N GLU B 260 1.75 7.52 -1.45
CA GLU B 260 0.50 6.84 -1.18
C GLU B 260 0.80 5.95 0.00
N GLN B 261 0.04 6.13 1.07
CA GLN B 261 0.32 5.44 2.30
C GLN B 261 -0.96 4.91 2.92
N THR B 262 -0.90 3.67 3.40
CA THR B 262 -1.98 3.03 4.12
C THR B 262 -1.41 2.39 5.37
N ASP B 263 -2.07 2.59 6.51
CA ASP B 263 -1.63 2.05 7.79
C ASP B 263 -2.79 1.44 8.57
N GLU B 264 -2.71 0.13 8.83
CA GLU B 264 -3.73 -0.59 9.60
C GLU B 264 -3.31 -0.66 11.05
N LYS B 265 -4.25 -0.51 11.97
CA LYS B 265 -3.98 -0.92 13.35
C LYS B 265 -5.25 -1.35 14.09
N ASN B 266 -5.06 -2.11 15.17
CA ASN B 266 -6.15 -2.52 16.04
C ASN B 266 -6.28 -1.42 17.11
N GLU B 267 -7.23 -0.51 16.96
CA GLU B 267 -7.55 0.43 18.04
C GLU B 267 -8.21 -0.33 19.20
N THR B 268 -7.75 -0.08 20.43
CA THR B 268 -8.32 -0.73 21.62
C THR B 268 -8.67 0.22 22.76
N LEU B 269 -9.55 -0.25 23.65
CA LEU B 269 -9.98 0.55 24.79
C LEU B 269 -10.52 -0.36 25.90
N THR B 270 -10.18 -0.02 27.14
CA THR B 270 -10.74 -0.69 28.30
C THR B 270 -11.55 0.34 29.06
N THR B 271 -12.80 0.01 29.36
CA THR B 271 -13.71 0.92 30.01
C THR B 271 -14.28 0.24 31.24
N THR B 272 -14.40 1.00 32.33
CA THR B 272 -15.12 0.54 33.52
C THR B 272 -16.46 1.26 33.53
N VAL B 273 -17.54 0.49 33.47
CA VAL B 273 -18.87 1.06 33.41
C VAL B 273 -19.47 1.02 34.82
N GLU B 274 -20.03 2.13 35.27
CA GLU B 274 -20.75 2.13 36.53
C GLU B 274 -22.25 1.97 36.28
N VAL B 275 -22.85 1.02 36.98
CA VAL B 275 -24.28 0.75 36.87
C VAL B 275 -24.98 1.16 38.19
N PRO B 276 -25.68 2.30 38.22
CA PRO B 276 -26.31 2.74 39.48
C PRO B 276 -27.41 1.79 39.99
N PRO B 277 -27.72 1.86 41.30
CA PRO B 277 -28.76 1.00 41.89
C PRO B 277 -30.09 1.08 41.15
N LYS B 278 -30.74 -0.05 40.94
CA LYS B 278 -32.09 -0.06 40.37
C LYS B 278 -32.09 0.58 38.99
N LYS B 279 -31.04 0.34 38.21
CA LYS B 279 -30.94 0.94 36.88
C LYS B 279 -30.46 -0.09 35.86
N LYS B 280 -30.87 0.12 34.63
CA LYS B 280 -30.32 -0.56 33.47
C LYS B 280 -29.40 0.47 32.82
N VAL B 281 -28.18 0.08 32.45
CA VAL B 281 -27.30 0.95 31.66
C VAL B 281 -26.98 0.29 30.33
N ASP B 282 -27.25 1.00 29.24
CA ASP B 282 -26.86 0.60 27.90
C ASP B 282 -25.54 1.29 27.54
N VAL B 283 -24.61 0.52 27.01
CA VAL B 283 -23.29 0.99 26.66
C VAL B 283 -23.22 0.90 25.12
N HIS B 284 -22.86 2.01 24.49
CA HIS B 284 -22.76 2.05 23.02
C HIS B 284 -21.36 2.52 22.67
N ILE B 285 -20.63 1.70 21.95
CA ILE B 285 -19.22 1.97 21.68
C ILE B 285 -19.08 2.12 20.17
N THR B 286 -18.58 3.29 19.74
CA THR B 286 -18.52 3.65 18.34
C THR B 286 -17.17 4.30 17.97
N ILE B 287 -16.95 4.49 16.69
CA ILE B 287 -15.79 5.28 16.21
C ILE B 287 -16.23 6.09 14.99
N GLY B 288 -15.66 7.28 14.82
CA GLY B 288 -15.99 8.15 13.70
C GLY B 288 -14.92 8.02 12.62
N ARG B 289 -15.36 7.91 11.37
CA ARG B 289 -14.46 7.83 10.21
C ARG B 289 -14.66 9.06 9.33
N ALA B 290 -13.57 9.77 9.05
CA ALA B 290 -13.60 10.98 8.19
C ALA B 290 -12.83 10.75 6.88
N SER B 291 -13.40 11.22 5.76
CA SER B 291 -12.74 11.20 4.45
C SER B 291 -12.33 12.62 4.02
N PHE B 292 -11.05 12.94 4.13
CA PHE B 292 -10.53 14.22 3.64
C PHE B 292 -10.30 14.15 2.12
N ASP B 293 -10.68 15.22 1.43
CA ASP B 293 -10.40 15.40 0.00
C ASP B 293 -10.20 16.91 -0.18
N LEU B 294 -8.95 17.37 -0.12
CA LEU B 294 -8.67 18.81 -0.16
C LEU B 294 -7.33 19.18 -0.81
N PRO B 295 -7.22 20.43 -1.28
CA PRO B 295 -5.99 20.76 -1.99
C PRO B 295 -4.80 20.93 -1.06
N TYR B 296 -3.63 20.68 -1.61
CA TYR B 296 -2.39 20.96 -0.90
C TYR B 296 -1.45 21.69 -1.85
N THR B 297 -0.51 22.38 -1.25
CA THR B 297 0.60 23.01 -1.94
C THR B 297 1.87 22.50 -1.26
N GLY B 298 2.97 22.49 -1.98
CA GLY B 298 4.21 22.21 -1.33
C GLY B 298 5.38 22.45 -2.25
N THR B 299 6.52 21.98 -1.80
CA THR B 299 7.81 22.15 -2.49
C THR B 299 8.41 20.79 -2.76
N VAL B 300 8.72 20.52 -4.03
CA VAL B 300 9.45 19.36 -4.38
C VAL B 300 10.95 19.69 -4.30
N LYS B 301 11.69 18.92 -3.51
CA LYS B 301 13.13 19.08 -3.36
C LYS B 301 13.87 17.82 -3.83
N ILE B 302 14.64 18.00 -4.90
CA ILE B 302 15.41 16.90 -5.47
C ILE B 302 16.84 17.14 -5.07
N THR B 303 17.46 16.14 -4.44
CA THR B 303 18.88 16.19 -4.15
C THR B 303 19.57 15.17 -5.01
N CYS B 304 20.50 15.65 -5.81
CA CYS B 304 21.27 14.81 -6.69
C CYS B 304 22.42 14.14 -5.96
N LYS B 305 22.84 12.99 -6.48
CA LYS B 305 24.02 12.29 -5.98
C LYS B 305 25.25 13.21 -5.92
N ASN B 306 25.36 14.14 -6.86
CA ASN B 306 26.51 15.05 -6.91
C ASN B 306 26.42 16.25 -5.95
N GLY B 307 25.42 16.25 -5.07
CA GLY B 307 25.25 17.29 -4.08
C GLY B 307 24.38 18.47 -4.46
N SER B 308 24.11 18.62 -5.76
CA SER B 308 23.32 19.72 -6.24
C SER B 308 21.84 19.44 -5.96
N VAL B 309 21.05 20.51 -6.02
CA VAL B 309 19.62 20.47 -5.70
C VAL B 309 18.81 21.19 -6.75
N LEU B 310 17.60 20.72 -6.94
CA LEU B 310 16.64 21.36 -7.80
C LEU B 310 15.35 21.33 -7.04
N GLN B 311 14.72 22.47 -6.92
CA GLN B 311 13.45 22.52 -6.22
C GLN B 311 12.44 23.35 -6.96
N TYR B 312 11.17 23.02 -6.77
CA TYR B 312 10.10 23.76 -7.40
C TYR B 312 8.83 23.60 -6.58
N GLU B 313 7.92 24.53 -6.78
CA GLU B 313 6.65 24.53 -6.06
C GLU B 313 5.68 23.66 -6.80
N THR B 314 4.76 23.03 -6.05
CA THR B 314 3.75 22.20 -6.66
C THR B 314 2.42 22.31 -5.90
N LYS B 315 1.36 21.82 -6.51
CA LYS B 315 0.08 21.77 -5.86
C LYS B 315 -0.67 20.58 -6.39
N GLY B 316 -1.52 19.99 -5.56
CA GLY B 316 -2.35 18.89 -6.00
C GLY B 316 -3.48 18.68 -5.02
N GLN B 317 -3.88 17.42 -4.90
CA GLN B 317 -5.02 17.03 -4.07
C GLN B 317 -4.55 15.99 -3.06
N TYR B 318 -4.87 16.23 -1.80
CA TYR B 318 -4.67 15.27 -0.76
C TYR B 318 -5.98 14.52 -0.53
N LYS B 319 -5.87 13.21 -0.46
CA LYS B 319 -7.00 12.36 -0.06
C LYS B 319 -6.58 11.57 1.17
N GLY B 320 -7.47 11.47 2.16
CA GLY B 320 -7.11 10.78 3.38
C GLY B 320 -8.31 10.22 4.09
N VAL B 321 -8.11 9.09 4.78
CA VAL B 321 -9.13 8.55 5.68
C VAL B 321 -8.55 8.59 7.06
N ALA B 322 -9.28 9.20 7.99
CA ALA B 322 -8.84 9.31 9.36
C ALA B 322 -9.97 8.96 10.35
N TYR B 323 -9.59 8.59 11.57
CA TYR B 323 -10.54 8.18 12.61
C TYR B 323 -10.40 8.94 13.91
N THR B 324 -11.52 9.09 14.61
CA THR B 324 -11.53 9.60 15.97
C THR B 324 -11.03 8.55 16.95
N ASP B 325 -10.96 8.92 18.22
CA ASP B 325 -10.80 7.93 19.28
C ASP B 325 -12.09 7.07 19.35
N ILE B 326 -11.96 5.87 19.90
CA ILE B 326 -13.13 5.08 20.24
C ILE B 326 -13.92 5.82 21.29
N LYS B 327 -15.23 5.92 21.07
CA LYS B 327 -16.12 6.62 21.95
C LYS B 327 -17.05 5.64 22.67
N VAL B 328 -17.27 5.87 23.97
CA VAL B 328 -18.21 5.14 24.80
C VAL B 328 -19.29 6.10 25.27
N ASN B 329 -20.54 5.80 24.95
CA ASN B 329 -21.70 6.52 25.46
C ASN B 329 -22.56 5.55 26.26
N THR B 330 -23.03 6.00 27.42
CA THR B 330 -23.90 5.19 28.26
C THR B 330 -25.21 5.94 28.50
N VAL B 331 -26.33 5.22 28.45
CA VAL B 331 -27.63 5.79 28.80
C VAL B 331 -28.27 4.97 29.93
N GLU B 332 -28.74 5.67 30.97
CA GLU B 332 -29.34 5.04 32.16
C GLU B 332 -30.86 4.98 32.05
N LYS B 333 -31.43 3.86 32.50
CA LYS B 333 -32.89 3.68 32.54
C LYS B 333 -33.28 3.01 33.85
N ASP B 334 -34.56 3.01 34.19
CA ASP B 334 -35.03 2.37 35.43
C ASP B 334 -35.37 0.90 35.20
N LEU B 335 -35.46 0.14 36.29
CA LEU B 335 -35.64 -1.31 36.28
C LEU B 335 -34.29 -2.01 36.12
#